data_3DEO
#
_entry.id   3DEO
#
_cell.length_a   51.146
_cell.length_b   52.794
_cell.length_c   62.849
_cell.angle_alpha   90.000
_cell.angle_beta   90.000
_cell.angle_gamma   90.000
#
_symmetry.space_group_name_H-M   'P 21 21 21'
#
loop_
_entity.id
_entity.type
_entity.pdbx_description
1 polymer 'Signal recognition particle 43 kDa protein'
2 non-polymer 'MAGNESIUM ION'
3 water water
#
_entity_poly.entity_id   1
_entity_poly.type   'polypeptide(L)'
_entity_poly.pdbx_seq_one_letter_code
;EVNKIIGSRTAGEGAMEYLIEWKDGHSPSWVPSSYIAADVVSEYETPWWTAARKADEQALSQLLEDRDVDAVDENGRTAL
LFVAGLGSDKCVRLLAEAGADLDHRDMRGGLTALHMAAGYVRPEVVEALVELGADIEVEDERGLTALELAREILKTTPKG
NPMQFGRRIGLEKVINVLEGQVF
;
_entity_poly.pdbx_strand_id   A
#
loop_
_chem_comp.id
_chem_comp.type
_chem_comp.name
_chem_comp.formula
MG non-polymer 'MAGNESIUM ION' 'Mg 2'
#
# COMPACT_ATOMS: atom_id res chain seq x y z
N GLU A 1 8.24 -30.15 -0.47
CA GLU A 1 8.06 -30.79 0.87
C GLU A 1 7.50 -29.81 1.90
N VAL A 2 6.74 -28.85 1.39
CA VAL A 2 6.06 -27.88 2.22
C VAL A 2 4.78 -28.48 2.80
N ASN A 3 4.69 -28.53 4.13
CA ASN A 3 3.43 -28.87 4.77
C ASN A 3 2.47 -27.67 4.70
N LYS A 4 2.95 -26.53 5.19
CA LYS A 4 2.24 -25.26 5.04
C LYS A 4 3.21 -24.09 5.23
N ILE A 5 2.80 -22.93 4.71
CA ILE A 5 3.46 -21.69 5.01
C ILE A 5 2.90 -21.14 6.30
N ILE A 6 3.80 -20.70 7.18
CA ILE A 6 3.39 -20.24 8.49
C ILE A 6 3.83 -18.80 8.81
N GLY A 7 4.37 -18.11 7.80
CA GLY A 7 4.79 -16.72 7.98
C GLY A 7 5.33 -16.13 6.69
N SER A 8 5.36 -14.80 6.60
CA SER A 8 5.94 -14.12 5.44
C SER A 8 6.81 -12.96 5.92
N ARG A 9 7.80 -12.63 5.10
CA ARG A 9 8.65 -11.47 5.37
C ARG A 9 9.20 -10.90 4.05
N THR A 10 9.46 -9.60 4.07
CA THR A 10 10.16 -8.97 2.97
C THR A 10 11.64 -9.30 3.13
N ALA A 11 12.36 -9.22 2.02
CA ALA A 11 13.79 -9.48 2.07
C ALA A 11 14.44 -8.55 1.07
N GLY A 12 15.67 -8.14 1.36
CA GLY A 12 16.47 -7.40 0.38
C GLY A 12 15.73 -6.20 -0.13
N GLU A 13 15.79 -5.99 -1.44
CA GLU A 13 14.93 -5.01 -2.12
C GLU A 13 13.83 -5.65 -2.97
N GLY A 14 12.64 -5.70 -2.39
CA GLY A 14 11.47 -6.07 -3.15
C GLY A 14 11.11 -7.55 -3.19
N ALA A 15 11.84 -8.38 -2.44
CA ALA A 15 11.67 -9.82 -2.53
C ALA A 15 10.79 -10.29 -1.37
N MET A 16 10.11 -11.43 -1.56
CA MET A 16 9.34 -12.06 -0.48
C MET A 16 9.96 -13.39 -0.10
N GLU A 17 9.94 -13.66 1.22
CA GLU A 17 10.33 -14.97 1.75
C GLU A 17 9.21 -15.50 2.61
N TYR A 18 9.21 -16.83 2.75
CA TYR A 18 8.13 -17.50 3.46
C TYR A 18 8.70 -18.46 4.47
N LEU A 19 8.02 -18.54 5.61
CA LEU A 19 8.45 -19.43 6.70
C LEU A 19 7.72 -20.74 6.50
N ILE A 20 8.48 -21.82 6.35
CA ILE A 20 7.92 -23.09 5.85
C ILE A 20 7.89 -24.09 7.01
N GLU A 21 6.72 -24.67 7.26
CA GLU A 21 6.63 -25.90 8.06
C GLU A 21 6.87 -27.06 7.12
N TRP A 22 7.98 -27.77 7.33
CA TRP A 22 8.40 -28.87 6.48
C TRP A 22 7.67 -30.15 6.84
N LYS A 23 7.31 -30.92 5.81
CA LYS A 23 6.66 -32.23 5.99
C LYS A 23 7.50 -33.22 6.78
N ASP A 24 8.79 -33.30 6.46
CA ASP A 24 9.71 -34.29 7.06
C ASP A 24 10.10 -33.98 8.52
N GLY A 25 9.70 -32.83 9.03
CA GLY A 25 9.91 -32.54 10.45
C GLY A 25 11.05 -31.59 10.81
N HIS A 26 11.87 -31.21 9.83
N HIS A 26 11.87 -31.21 9.83
CA HIS A 26 12.91 -30.21 10.06
CA HIS A 26 12.90 -30.19 10.03
C HIS A 26 12.25 -28.96 10.61
C HIS A 26 12.23 -28.96 10.63
N SER A 27 12.96 -28.23 11.48
CA SER A 27 12.41 -26.97 12.07
C SER A 27 12.03 -25.99 10.96
N PRO A 28 10.94 -25.21 11.17
CA PRO A 28 10.55 -24.25 10.14
C PRO A 28 11.68 -23.30 9.81
N SER A 29 11.82 -22.98 8.51
CA SER A 29 12.83 -22.05 8.06
C SER A 29 12.36 -21.18 6.89
N TRP A 30 13.09 -20.10 6.65
CA TRP A 30 12.75 -19.07 5.65
C TRP A 30 13.33 -19.39 4.29
N VAL A 31 12.50 -19.35 3.25
CA VAL A 31 13.04 -19.53 1.90
C VAL A 31 12.51 -18.45 0.95
N PRO A 32 13.32 -18.07 -0.06
CA PRO A 32 12.77 -17.21 -1.11
C PRO A 32 11.52 -17.82 -1.75
N SER A 33 10.62 -16.95 -2.18
CA SER A 33 9.38 -17.39 -2.81
CA SER A 33 9.38 -17.35 -2.85
C SER A 33 9.62 -18.35 -3.96
N SER A 34 10.71 -18.14 -4.71
CA SER A 34 11.01 -18.99 -5.85
C SER A 34 11.37 -20.45 -5.54
N TYR A 35 11.65 -20.76 -4.27
CA TYR A 35 12.10 -22.10 -3.92
C TYR A 35 10.97 -23.10 -3.82
N ILE A 36 9.73 -22.61 -3.82
CA ILE A 36 8.57 -23.47 -3.57
C ILE A 36 7.47 -23.20 -4.61
N ALA A 37 6.37 -23.93 -4.52
CA ALA A 37 5.40 -23.86 -5.60
C ALA A 37 4.64 -22.54 -5.63
N ALA A 38 4.45 -22.01 -6.85
CA ALA A 38 3.79 -20.71 -7.05
C ALA A 38 2.36 -20.74 -6.49
N ASP A 39 1.70 -21.88 -6.66
CA ASP A 39 0.30 -22.01 -6.19
C ASP A 39 0.14 -21.98 -4.67
N VAL A 40 1.13 -22.52 -3.94
CA VAL A 40 1.11 -22.52 -2.48
C VAL A 40 1.34 -21.09 -1.98
N VAL A 41 2.26 -20.40 -2.62
CA VAL A 41 2.48 -19.00 -2.28
C VAL A 41 1.23 -18.14 -2.56
N SER A 42 0.67 -18.28 -3.78
CA SER A 42 -0.51 -17.52 -4.19
CA SER A 42 -0.51 -17.52 -4.19
C SER A 42 -1.65 -17.75 -3.23
N GLU A 43 -1.87 -19.00 -2.84
N GLU A 43 -1.87 -19.01 -2.87
CA GLU A 43 -2.97 -19.33 -1.93
CA GLU A 43 -2.93 -19.32 -1.94
C GLU A 43 -2.75 -18.76 -0.52
C GLU A 43 -2.72 -18.61 -0.61
N TYR A 44 -1.50 -18.63 -0.11
CA TYR A 44 -1.17 -18.02 1.18
C TYR A 44 -1.39 -16.50 1.13
N GLU A 45 -1.00 -15.87 0.04
CA GLU A 45 -1.10 -14.40 -0.06
C GLU A 45 -2.52 -13.88 -0.25
N THR A 46 -3.40 -14.73 -0.78
CA THR A 46 -4.74 -14.26 -1.17
C THR A 46 -5.53 -13.53 -0.07
N PRO A 47 -5.60 -14.10 1.15
CA PRO A 47 -6.39 -13.42 2.16
C PRO A 47 -5.88 -12.02 2.51
N TRP A 48 -4.58 -11.81 2.34
CA TRP A 48 -3.97 -10.51 2.61
C TRP A 48 -4.44 -9.51 1.59
N TRP A 49 -4.31 -9.87 0.31
CA TRP A 49 -4.76 -8.92 -0.74
C TRP A 49 -6.26 -8.71 -0.69
N THR A 50 -7.02 -9.74 -0.32
CA THR A 50 -8.47 -9.58 -0.18
C THR A 50 -8.80 -8.57 0.91
N ALA A 51 -8.18 -8.74 2.08
CA ALA A 51 -8.37 -7.79 3.18
C ALA A 51 -7.99 -6.36 2.81
N ALA A 52 -6.88 -6.18 2.08
CA ALA A 52 -6.46 -4.83 1.72
C ALA A 52 -7.49 -4.20 0.77
N ARG A 53 -7.91 -4.95 -0.24
CA ARG A 53 -8.88 -4.41 -1.20
C ARG A 53 -10.26 -4.21 -0.58
N LYS A 54 -10.55 -4.92 0.51
CA LYS A 54 -11.82 -4.67 1.24
C LYS A 54 -11.67 -3.57 2.29
N ALA A 55 -10.44 -3.07 2.47
CA ALA A 55 -10.12 -2.16 3.56
C ALA A 55 -10.69 -2.71 4.85
N ASP A 56 -10.46 -4.02 5.03
CA ASP A 56 -10.99 -4.76 6.15
C ASP A 56 -10.02 -4.67 7.31
N GLU A 57 -10.23 -3.69 8.18
CA GLU A 57 -9.32 -3.44 9.28
C GLU A 57 -9.18 -4.65 10.21
N GLN A 58 -10.32 -5.25 10.59
CA GLN A 58 -10.29 -6.46 11.41
C GLN A 58 -9.43 -7.59 10.81
N ALA A 59 -9.61 -7.90 9.53
CA ALA A 59 -8.84 -8.99 8.91
C ALA A 59 -7.36 -8.63 8.81
N LEU A 60 -7.06 -7.38 8.44
CA LEU A 60 -5.65 -6.97 8.36
C LEU A 60 -4.99 -7.12 9.71
N SER A 61 -5.68 -6.70 10.78
CA SER A 61 -5.14 -6.80 12.14
CA SER A 61 -5.14 -6.80 12.14
C SER A 61 -4.82 -8.25 12.55
N GLN A 62 -5.70 -9.17 12.19
CA GLN A 62 -5.50 -10.61 12.50
C GLN A 62 -4.32 -11.18 11.69
N LEU A 63 -4.31 -10.87 10.39
CA LEU A 63 -3.29 -11.42 9.49
C LEU A 63 -1.88 -10.91 9.81
N LEU A 64 -1.78 -9.71 10.37
CA LEU A 64 -0.48 -9.10 10.73
C LEU A 64 0.29 -9.92 11.79
N GLU A 65 -0.39 -10.82 12.47
CA GLU A 65 0.27 -11.60 13.52
C GLU A 65 1.42 -12.44 12.99
N ASP A 66 1.27 -12.94 11.77
CA ASP A 66 2.25 -13.84 11.19
C ASP A 66 2.88 -13.33 9.89
N ARG A 67 2.38 -12.22 9.39
CA ARG A 67 2.76 -11.77 8.05
C ARG A 67 3.36 -10.39 8.05
N ASP A 68 4.12 -10.11 7.00
CA ASP A 68 4.80 -8.84 6.94
C ASP A 68 3.82 -7.75 6.49
N VAL A 69 3.76 -6.65 7.26
CA VAL A 69 2.95 -5.48 6.87
C VAL A 69 3.27 -5.00 5.45
N ASP A 70 4.53 -5.21 5.05
CA ASP A 70 5.02 -4.67 3.76
C ASP A 70 5.18 -5.75 2.68
N ALA A 71 4.44 -6.86 2.81
CA ALA A 71 4.33 -7.79 1.70
C ALA A 71 4.07 -7.03 0.42
N VAL A 72 4.73 -7.48 -0.65
CA VAL A 72 4.54 -6.83 -1.96
C VAL A 72 3.95 -7.79 -2.97
N ASP A 73 3.15 -7.26 -3.89
CA ASP A 73 2.62 -8.06 -5.00
C ASP A 73 3.52 -7.95 -6.23
N GLU A 74 3.11 -8.54 -7.36
N GLU A 74 3.06 -8.53 -7.35
CA GLU A 74 3.97 -8.55 -8.54
CA GLU A 74 3.82 -8.59 -8.61
C GLU A 74 4.33 -7.15 -9.03
C GLU A 74 4.16 -7.22 -9.22
N ASN A 75 3.44 -6.20 -8.78
CA ASN A 75 3.60 -4.83 -9.27
C ASN A 75 4.25 -3.93 -8.23
N GLY A 76 4.74 -4.54 -7.14
CA GLY A 76 5.42 -3.77 -6.11
C GLY A 76 4.47 -2.98 -5.21
N ARG A 77 3.17 -3.30 -5.22
CA ARG A 77 2.23 -2.62 -4.32
C ARG A 77 2.27 -3.33 -2.97
N THR A 78 2.21 -2.53 -1.91
CA THR A 78 1.93 -3.05 -0.56
C THR A 78 0.47 -2.77 -0.18
N ALA A 79 -0.01 -3.36 0.91
CA ALA A 79 -1.37 -3.08 1.33
C ALA A 79 -1.58 -1.58 1.56
N LEU A 80 -0.58 -0.89 2.10
CA LEU A 80 -0.70 0.58 2.33
C LEU A 80 -1.12 1.32 1.04
N LEU A 81 -0.56 0.94 -0.10
CA LEU A 81 -0.91 1.65 -1.34
C LEU A 81 -2.37 1.37 -1.69
N PHE A 82 -2.80 0.13 -1.51
CA PHE A 82 -4.17 -0.24 -1.86
C PHE A 82 -5.17 0.52 -0.98
N VAL A 83 -4.91 0.56 0.32
CA VAL A 83 -5.91 1.15 1.20
C VAL A 83 -5.87 2.69 1.11
N ALA A 84 -4.69 3.24 0.81
CA ALA A 84 -4.57 4.70 0.65
C ALA A 84 -5.36 5.16 -0.58
N GLY A 85 -5.19 4.44 -1.68
CA GLY A 85 -5.95 4.73 -2.91
C GLY A 85 -7.46 4.57 -2.74
N LEU A 86 -7.87 3.59 -1.92
CA LEU A 86 -9.30 3.38 -1.65
CA LEU A 86 -9.29 3.36 -1.67
C LEU A 86 -9.89 4.44 -0.75
N GLY A 87 -9.05 5.17 -0.02
CA GLY A 87 -9.47 6.23 0.89
C GLY A 87 -9.74 5.79 2.32
N SER A 88 -9.10 4.70 2.74
CA SER A 88 -9.32 4.23 4.10
C SER A 88 -8.30 4.79 5.08
N ASP A 89 -8.57 5.90 5.75
N ASP A 89 -8.64 5.90 5.73
CA ASP A 89 -7.60 6.40 6.70
CA ASP A 89 -7.82 6.48 6.80
C ASP A 89 -7.46 5.46 7.92
C ASP A 89 -7.49 5.45 7.86
N LYS A 90 -8.52 4.71 8.26
CA LYS A 90 -8.44 3.70 9.34
C LYS A 90 -7.41 2.63 9.03
N CYS A 91 -7.45 2.08 7.80
CA CYS A 91 -6.46 1.05 7.45
C CYS A 91 -5.07 1.62 7.25
N VAL A 92 -4.97 2.85 6.72
CA VAL A 92 -3.66 3.50 6.65
C VAL A 92 -3.03 3.60 8.02
N ARG A 93 -3.82 4.00 9.01
CA ARG A 93 -3.30 4.17 10.35
C ARG A 93 -2.94 2.84 11.00
N LEU A 94 -3.78 1.82 10.78
CA LEU A 94 -3.46 0.47 11.28
C LEU A 94 -2.10 0.00 10.73
N LEU A 95 -1.94 0.09 9.41
CA LEU A 95 -0.71 -0.40 8.80
C LEU A 95 0.52 0.44 9.20
N ALA A 96 0.37 1.76 9.29
CA ALA A 96 1.46 2.64 9.77
C ALA A 96 1.89 2.20 11.18
N GLU A 97 0.89 1.97 12.04
CA GLU A 97 1.17 1.60 13.44
C GLU A 97 1.89 0.26 13.53
N ALA A 98 1.62 -0.60 12.56
CA ALA A 98 2.27 -1.91 12.45
C ALA A 98 3.66 -1.86 11.78
N GLY A 99 4.13 -0.67 11.42
CA GLY A 99 5.49 -0.53 10.92
C GLY A 99 5.61 -0.40 9.40
N ALA A 100 4.50 -0.11 8.71
CA ALA A 100 4.58 -0.03 7.25
C ALA A 100 5.57 1.03 6.81
N ASP A 101 6.31 0.74 5.75
CA ASP A 101 7.16 1.74 5.10
C ASP A 101 6.27 2.72 4.36
N LEU A 102 6.12 3.89 4.94
CA LEU A 102 5.22 4.91 4.33
C LEU A 102 5.72 5.40 2.98
N ASP A 103 7.02 5.25 2.72
CA ASP A 103 7.64 5.81 1.51
C ASP A 103 7.86 4.77 0.39
N HIS A 104 7.32 3.57 0.58
CA HIS A 104 7.43 2.51 -0.41
C HIS A 104 6.92 2.96 -1.78
N ARG A 105 7.70 2.71 -2.82
CA ARG A 105 7.31 3.02 -4.19
C ARG A 105 7.00 1.76 -4.95
N ASP A 106 5.95 1.79 -5.79
CA ASP A 106 5.62 0.58 -6.57
C ASP A 106 6.44 0.47 -7.86
N MET A 107 6.14 -0.58 -8.65
CA MET A 107 6.81 -0.82 -9.94
C MET A 107 5.85 -0.57 -11.09
N ARG A 108 4.85 0.25 -10.88
CA ARG A 108 3.93 0.69 -11.92
C ARG A 108 3.96 2.23 -11.98
N GLY A 109 5.16 2.77 -12.12
CA GLY A 109 5.31 4.21 -12.12
C GLY A 109 6.05 4.77 -10.92
N GLY A 110 6.41 3.95 -9.94
CA GLY A 110 7.16 4.43 -8.78
C GLY A 110 6.27 5.25 -7.84
N LEU A 111 4.98 4.91 -7.77
CA LEU A 111 4.06 5.68 -6.91
C LEU A 111 4.12 5.22 -5.45
N THR A 112 3.97 6.20 -4.53
CA THR A 112 3.84 5.92 -3.09
C THR A 112 2.37 5.97 -2.68
N ALA A 113 2.11 5.60 -1.43
CA ALA A 113 0.74 5.72 -0.89
C ALA A 113 0.27 7.17 -0.99
N LEU A 114 1.18 8.14 -0.79
CA LEU A 114 0.78 9.57 -0.90
C LEU A 114 0.39 9.88 -2.34
N HIS A 115 1.10 9.31 -3.33
CA HIS A 115 0.68 9.53 -4.74
C HIS A 115 -0.68 8.91 -5.00
N MET A 116 -0.94 7.73 -4.40
CA MET A 116 -2.24 7.10 -4.59
C MET A 116 -3.36 7.94 -3.97
N ALA A 117 -3.11 8.43 -2.76
CA ALA A 117 -4.12 9.22 -2.06
C ALA A 117 -4.37 10.54 -2.81
N ALA A 118 -3.30 11.15 -3.34
CA ALA A 118 -3.47 12.42 -4.05
C ALA A 118 -4.24 12.15 -5.36
N GLY A 119 -3.81 11.14 -6.11
CA GLY A 119 -4.42 10.84 -7.42
C GLY A 119 -5.85 10.33 -7.41
N TYR A 120 -6.22 9.63 -6.35
CA TYR A 120 -7.59 9.17 -6.19
C TYR A 120 -8.40 10.18 -5.36
N VAL A 121 -7.78 11.32 -5.04
CA VAL A 121 -8.46 12.43 -4.35
C VAL A 121 -9.01 12.03 -2.96
N ARG A 122 -8.09 11.68 -2.06
CA ARG A 122 -8.44 11.20 -0.72
C ARG A 122 -7.77 12.13 0.31
N PRO A 123 -8.36 13.31 0.52
CA PRO A 123 -7.66 14.31 1.35
C PRO A 123 -7.41 13.92 2.80
N GLU A 124 -8.32 13.14 3.40
N GLU A 124 -8.30 13.15 3.42
CA GLU A 124 -8.15 12.70 4.78
CA GLU A 124 -8.04 12.76 4.81
C GLU A 124 -6.95 11.75 4.87
C GLU A 124 -6.95 11.69 4.91
N VAL A 125 -6.80 10.88 3.85
CA VAL A 125 -5.67 9.94 3.81
C VAL A 125 -4.35 10.73 3.62
N VAL A 126 -4.37 11.75 2.75
CA VAL A 126 -3.19 12.59 2.61
C VAL A 126 -2.83 13.21 3.96
N GLU A 127 -3.83 13.77 4.66
CA GLU A 127 -3.56 14.33 6.01
C GLU A 127 -2.91 13.29 6.94
N ALA A 128 -3.49 12.09 6.95
CA ALA A 128 -3.01 11.04 7.84
C ALA A 128 -1.57 10.66 7.51
N LEU A 129 -1.27 10.47 6.21
CA LEU A 129 0.09 10.10 5.83
C LEU A 129 1.11 11.18 6.22
N VAL A 130 0.77 12.45 6.00
CA VAL A 130 1.65 13.54 6.44
C VAL A 130 1.83 13.46 7.98
N GLU A 131 0.72 13.30 8.73
CA GLU A 131 0.80 13.26 10.20
C GLU A 131 1.73 12.12 10.66
N LEU A 132 1.60 10.98 9.99
CA LEU A 132 2.28 9.75 10.40
C LEU A 132 3.74 9.72 9.97
N GLY A 133 4.15 10.67 9.12
CA GLY A 133 5.57 10.86 8.80
C GLY A 133 6.00 10.45 7.38
N ALA A 134 5.05 10.35 6.46
CA ALA A 134 5.44 10.10 5.06
C ALA A 134 6.33 11.24 4.57
N ASP A 135 7.31 10.89 3.73
CA ASP A 135 8.22 11.87 3.15
C ASP A 135 7.48 12.43 1.94
N ILE A 136 6.96 13.64 2.07
CA ILE A 136 6.16 14.18 0.97
C ILE A 136 6.99 14.55 -0.27
N GLU A 137 8.33 14.55 -0.16
CA GLU A 137 9.14 14.92 -1.35
C GLU A 137 9.52 13.71 -2.24
N VAL A 138 9.06 12.51 -1.90
CA VAL A 138 9.40 11.34 -2.72
C VAL A 138 8.79 11.49 -4.11
N GLU A 139 9.60 11.27 -5.14
CA GLU A 139 9.18 11.43 -6.52
C GLU A 139 8.86 10.10 -7.19
N ASP A 140 7.85 10.12 -8.07
CA ASP A 140 7.57 8.96 -8.89
C ASP A 140 8.56 8.90 -10.07
N GLU A 141 8.39 7.93 -10.96
N GLU A 141 8.34 7.96 -10.98
CA GLU A 141 9.36 7.79 -12.05
CA GLU A 141 9.25 7.73 -12.13
C GLU A 141 9.37 9.00 -12.98
C GLU A 141 9.21 8.84 -13.18
N ARG A 142 8.26 9.74 -13.02
CA ARG A 142 8.13 10.96 -13.86
C ARG A 142 8.77 12.17 -13.20
N GLY A 143 9.35 11.97 -12.01
CA GLY A 143 9.92 13.07 -11.26
C GLY A 143 8.92 13.95 -10.50
N LEU A 144 7.70 13.44 -10.36
CA LEU A 144 6.63 14.20 -9.69
C LEU A 144 6.45 13.78 -8.23
N THR A 145 6.38 14.78 -7.34
CA THR A 145 5.90 14.55 -5.98
C THR A 145 4.39 14.38 -6.02
N ALA A 146 3.82 13.94 -4.90
CA ALA A 146 2.37 13.80 -4.83
C ALA A 146 1.70 15.17 -5.06
N LEU A 147 2.32 16.23 -4.54
CA LEU A 147 1.77 17.58 -4.73
C LEU A 147 1.75 17.94 -6.22
N GLU A 148 2.86 17.64 -6.91
CA GLU A 148 2.90 17.98 -8.35
C GLU A 148 1.89 17.15 -9.15
N LEU A 149 1.68 15.89 -8.74
CA LEU A 149 0.69 15.05 -9.40
C LEU A 149 -0.71 15.65 -9.19
N ALA A 150 -1.01 16.03 -7.94
CA ALA A 150 -2.33 16.59 -7.66
C ALA A 150 -2.56 17.85 -8.52
N ARG A 151 -1.54 18.69 -8.66
CA ARG A 151 -1.70 19.91 -9.46
C ARG A 151 -1.95 19.56 -10.93
N GLU A 152 -1.23 18.55 -11.42
CA GLU A 152 -1.46 18.08 -12.79
C GLU A 152 -2.90 17.58 -13.02
N ILE A 153 -3.39 16.78 -12.09
CA ILE A 153 -4.74 16.24 -12.25
C ILE A 153 -5.76 17.37 -12.14
N LEU A 154 -5.51 18.33 -11.24
CA LEU A 154 -6.40 19.48 -11.16
C LEU A 154 -6.47 20.23 -12.50
N LYS A 155 -5.31 20.45 -13.11
CA LYS A 155 -5.28 21.20 -14.38
C LYS A 155 -6.04 20.47 -15.49
N THR A 156 -6.08 19.12 -15.44
CA THR A 156 -6.83 18.34 -16.46
C THR A 156 -8.31 18.11 -16.10
N THR A 157 -8.79 18.63 -14.96
CA THR A 157 -10.20 18.41 -14.57
C THR A 157 -11.09 19.59 -14.95
N PRO A 158 -12.09 19.36 -15.84
CA PRO A 158 -12.98 20.45 -16.25
C PRO A 158 -13.87 20.92 -15.12
N LYS A 159 -14.58 22.01 -15.36
CA LYS A 159 -15.34 22.66 -14.29
C LYS A 159 -16.87 22.46 -14.45
N GLY A 160 -17.26 21.56 -15.35
CA GLY A 160 -18.59 21.56 -15.97
C GLY A 160 -19.82 21.00 -15.30
N ASN A 161 -19.67 20.04 -14.39
CA ASN A 161 -20.84 19.57 -13.65
C ASN A 161 -20.58 19.54 -12.15
N PRO A 162 -21.63 19.46 -11.32
CA PRO A 162 -21.37 19.45 -9.88
C PRO A 162 -20.40 18.36 -9.37
N MET A 163 -20.34 17.19 -10.01
CA MET A 163 -19.41 16.12 -9.58
C MET A 163 -17.95 16.50 -9.86
N GLN A 164 -17.74 17.11 -11.02
CA GLN A 164 -16.41 17.63 -11.41
CA GLN A 164 -16.41 17.62 -11.38
C GLN A 164 -16.00 18.81 -10.52
N PHE A 165 -16.94 19.72 -10.28
CA PHE A 165 -16.67 20.83 -9.36
C PHE A 165 -16.22 20.29 -8.00
N GLY A 166 -16.93 19.29 -7.49
CA GLY A 166 -16.56 18.69 -6.19
C GLY A 166 -15.19 18.07 -6.23
N ARG A 167 -14.87 17.31 -7.28
CA ARG A 167 -13.52 16.74 -7.44
C ARG A 167 -12.46 17.84 -7.35
N ARG A 168 -12.70 18.97 -8.02
CA ARG A 168 -11.74 20.07 -7.95
C ARG A 168 -11.56 20.59 -6.52
N ILE A 169 -12.66 20.71 -5.78
CA ILE A 169 -12.55 21.08 -4.36
C ILE A 169 -11.70 20.08 -3.55
N GLY A 170 -11.93 18.78 -3.79
CA GLY A 170 -11.09 17.81 -3.07
C GLY A 170 -9.63 17.87 -3.46
N LEU A 171 -9.36 18.05 -4.76
CA LEU A 171 -7.98 18.19 -5.20
C LEU A 171 -7.34 19.43 -4.60
N GLU A 172 -8.11 20.52 -4.52
CA GLU A 172 -7.57 21.73 -3.91
C GLU A 172 -7.22 21.50 -2.44
N LYS A 173 -8.02 20.66 -1.76
CA LYS A 173 -7.71 20.31 -0.34
C LYS A 173 -6.41 19.48 -0.26
N VAL A 174 -6.27 18.48 -1.14
CA VAL A 174 -5.02 17.73 -1.23
C VAL A 174 -3.83 18.69 -1.36
N ILE A 175 -3.99 19.62 -2.29
CA ILE A 175 -2.91 20.57 -2.59
C ILE A 175 -2.59 21.43 -1.35
N ASN A 176 -3.63 21.96 -0.71
CA ASN A 176 -3.44 22.79 0.48
C ASN A 176 -2.74 22.02 1.59
N VAL A 177 -3.10 20.75 1.74
CA VAL A 177 -2.48 19.92 2.81
C VAL A 177 -0.99 19.76 2.49
N LEU A 178 -0.70 19.39 1.24
CA LEU A 178 0.71 19.13 0.89
C LEU A 178 1.57 20.39 0.86
N GLU A 179 0.94 21.55 0.58
CA GLU A 179 1.66 22.81 0.62
C GLU A 179 1.94 23.30 2.03
N GLY A 180 1.24 22.72 3.01
CA GLY A 180 1.38 23.17 4.40
C GLY A 180 0.62 24.45 4.66
N GLN A 181 -0.51 24.62 3.96
CA GLN A 181 -1.33 25.81 4.15
C GLN A 181 -2.07 25.80 5.47
N VAL A 182 -2.33 27.01 6.02
CA VAL A 182 -3.20 27.15 7.18
C VAL A 182 -4.65 26.81 6.81
N PHE A 183 -5.29 25.94 7.61
CA PHE A 183 -6.72 25.64 7.47
C PHE A 183 -7.55 26.40 8.50
MG MG B . 9.55 19.51 -7.90
#